data_6O1G
#
_entry.id   6O1G
#
_cell.length_a   55.970
_cell.length_b   121.920
_cell.length_c   65.890
_cell.angle_alpha   90.00
_cell.angle_beta   105.79
_cell.angle_gamma   90.00
#
_symmetry.space_group_name_H-M   'P 1 21 1'
#
loop_
_entity.id
_entity.type
_entity.pdbx_description
1 polymer 'Plasma kallikrein'
2 non-polymer 2-acetamido-2-deoxy-beta-D-glucopyranose
3 non-polymer N-[(6-amino-2,4-dimethylpyridin-3-yl)methyl]-1-({4-[(1H-pyrazol-1-yl)methyl]phenyl}methyl)-1H-pyrazole-4-carboxamide
4 water water
#
_entity_poly.entity_id   1
_entity_poly.type   'polypeptide(L)'
_entity_poly.pdbx_seq_one_letter_code
;MILFKQATYFISLFATVSCGCLTQLYENAFFRGGDVASMYTPNAQYCQMRCTFHPRCLLFSFLPASSINDMEKRFGCFLK
DSVTGTLPKVHRTGAVSGHSLKQCGHQISACHRDIYKGVDMRGVNFNVSKVSSVEECQKRCTNNIRCQFFSYATQTFHKA
EYRNNCLLKYSPGGTPTAIKVLSNVESGFSLKPCALSEIGCHMNIFQHLAFSDVDVARVLTPDAFVCRTICTYHPNCLFF
TFYTNVWKIESQRNVCLLKTSESGTPSSSTPQENTISGYSLLTCKRTLPEPCHSKIYPGVDFGGEELNVTFVKGVNVCQE
TCTKMIRCQFFTYSLLPEDCKEEKCKCFLRLSMDGSPTRIAYGTQGSSGYSLRLCNTGDNSVCTTKTSTRIVGGTNSSWG
EWPWQVSLQVKLTAQRHLCGGSLIGHQWVLTAAHCFDGLPLQDVWRIYSGILNLSDITKDTPFSQIKEIIIHQNYKVSEG
NHDIALIKLQAPLNYTEFQKPICLPSKGDTSTIYTNCWVTGWGFSKEKGEIQNILQKVNIPLVTNEECQKRYQDYKITQR
MVCAGYKEGGKDACKGDSGGPLVCKHNGMWRLVGITSWGEGCARREQPGVYTKVAEYMDWILEKTQSSDGKAQMQSPA
;
_entity_poly.pdbx_strand_id   A
#
# COMPACT_ATOMS: atom_id res chain seq x y z
N GLY A 20 16.08 3.26 -6.49
CA GLY A 20 15.62 3.66 -5.18
C GLY A 20 14.24 4.29 -5.23
N CYS A 21 13.54 4.26 -4.10
CA CYS A 21 12.19 4.81 -4.03
C CYS A 21 12.20 6.32 -4.25
N LEU A 22 11.22 6.80 -5.02
CA LEU A 22 11.12 8.20 -5.47
C LEU A 22 9.65 8.60 -5.44
N THR A 23 9.24 9.31 -4.38
CA THR A 23 7.83 9.62 -4.18
C THR A 23 7.46 11.03 -4.64
N GLN A 24 8.42 11.85 -5.03
CA GLN A 24 8.07 13.23 -5.33
C GLN A 24 7.25 13.35 -6.61
N LEU A 25 6.39 14.35 -6.61
CA LEU A 25 5.55 14.73 -7.72
C LEU A 25 6.05 16.05 -8.29
N TYR A 26 5.71 16.31 -9.54
CA TYR A 26 6.08 17.54 -10.23
C TYR A 26 4.80 18.23 -10.68
N GLU A 27 4.53 19.41 -10.15
CA GLU A 27 3.31 20.12 -10.50
C GLU A 27 3.46 20.87 -11.80
N ASN A 28 2.34 21.11 -12.47
CA ASN A 28 2.31 21.75 -13.78
C ASN A 28 3.45 21.24 -14.67
N ALA A 29 3.60 19.90 -14.74
CA ALA A 29 4.69 19.34 -15.53
C ALA A 29 4.28 18.07 -16.26
N PHE A 30 4.66 17.99 -17.54
CA PHE A 30 4.39 16.85 -18.39
C PHE A 30 5.71 16.31 -18.92
N PHE A 31 5.90 14.98 -18.82
CA PHE A 31 7.07 14.30 -19.38
C PHE A 31 6.88 14.04 -20.86
N ARG A 32 7.88 14.41 -21.67
CA ARG A 32 7.77 14.37 -23.12
C ARG A 32 8.24 13.02 -23.66
N GLY A 33 7.34 12.30 -24.31
CA GLY A 33 7.70 11.07 -24.99
C GLY A 33 7.79 9.92 -23.99
N GLY A 34 8.36 8.81 -24.47
CA GLY A 34 8.58 7.62 -23.69
C GLY A 34 7.34 6.82 -23.36
N ASP A 35 6.23 7.06 -24.06
CA ASP A 35 4.98 6.39 -23.73
C ASP A 35 5.07 4.89 -23.97
N VAL A 36 4.63 4.10 -22.99
CA VAL A 36 4.45 2.66 -23.18
C VAL A 36 3.00 2.24 -23.05
N ALA A 37 2.16 3.11 -22.50
CA ALA A 37 0.73 2.84 -22.35
C ALA A 37 0.05 4.14 -21.95
N SER A 38 -1.25 4.23 -22.21
CA SER A 38 -2.04 5.34 -21.72
C SER A 38 -3.47 4.86 -21.53
N MET A 39 -4.18 5.55 -20.64
CA MET A 39 -5.53 5.18 -20.22
C MET A 39 -6.13 6.39 -19.53
N TYR A 40 -7.43 6.30 -19.20
CA TYR A 40 -8.10 7.29 -18.37
C TYR A 40 -8.01 6.89 -16.90
N THR A 41 -7.72 7.86 -16.03
CA THR A 41 -7.76 7.61 -14.60
C THR A 41 -8.35 8.83 -13.91
N PRO A 42 -9.05 8.61 -12.79
CA PRO A 42 -9.77 9.74 -12.17
C PRO A 42 -8.85 10.79 -11.56
N ASN A 43 -7.65 10.42 -11.08
CA ASN A 43 -6.72 11.42 -10.56
C ASN A 43 -5.31 10.91 -10.77
N ALA A 44 -4.33 11.69 -10.29
CA ALA A 44 -2.93 11.39 -10.60
C ALA A 44 -2.40 10.22 -9.77
N GLN A 45 -2.79 10.09 -8.50
CA GLN A 45 -2.28 8.96 -7.72
C GLN A 45 -2.79 7.64 -8.29
N TYR A 46 -4.03 7.59 -8.78
CA TYR A 46 -4.46 6.37 -9.46
C TYR A 46 -3.56 6.06 -10.65
N CYS A 47 -3.17 7.10 -11.38
CA CYS A 47 -2.31 6.89 -12.55
C CYS A 47 -0.96 6.36 -12.12
N GLN A 48 -0.41 6.92 -11.03
CA GLN A 48 0.85 6.45 -10.45
C GLN A 48 0.76 5.00 -10.02
N MET A 49 -0.37 4.59 -9.47
CA MET A 49 -0.53 3.18 -9.12
C MET A 49 -0.48 2.32 -10.38
N ARG A 50 -1.18 2.74 -11.43
CA ARG A 50 -1.03 2.04 -12.72
C ARG A 50 0.43 1.99 -13.14
N CYS A 51 1.12 3.14 -13.12
CA CYS A 51 2.56 3.14 -13.37
C CYS A 51 3.30 2.13 -12.49
N THR A 52 3.00 2.13 -11.19
CA THR A 52 3.73 1.27 -10.27
C THR A 52 3.59 -0.18 -10.68
N PHE A 53 2.39 -0.60 -11.02
CA PHE A 53 2.16 -2.00 -11.34
C PHE A 53 2.44 -2.34 -12.80
N HIS A 54 2.67 -1.35 -13.67
CA HIS A 54 3.01 -1.68 -15.06
C HIS A 54 4.42 -2.24 -15.13
N PRO A 55 4.67 -3.27 -15.93
CA PRO A 55 6.03 -3.86 -15.91
C PRO A 55 7.08 -2.92 -16.43
N ARG A 56 6.72 -1.93 -17.22
CA ARG A 56 7.75 -1.08 -17.76
C ARG A 56 7.71 0.37 -17.23
N CYS A 57 6.63 0.82 -16.60
CA CYS A 57 6.52 2.23 -16.25
C CYS A 57 7.49 2.64 -15.16
N LEU A 58 8.31 3.65 -15.48
CA LEU A 58 9.10 4.41 -14.50
C LEU A 58 8.51 5.76 -14.16
N LEU A 59 7.79 6.37 -15.10
CA LEU A 59 7.38 7.76 -14.99
C LEU A 59 5.96 7.88 -15.50
N PHE A 60 5.21 8.86 -14.97
CA PHE A 60 3.86 9.10 -15.45
C PHE A 60 3.59 10.59 -15.55
N SER A 61 2.71 10.93 -16.47
CA SER A 61 2.14 12.27 -16.52
C SER A 61 0.63 12.15 -16.62
N PHE A 62 -0.07 12.98 -15.86
CA PHE A 62 -1.52 12.94 -15.81
C PHE A 62 -2.08 14.32 -16.09
N LEU A 63 -3.22 14.36 -16.77
CA LEU A 63 -3.81 15.62 -17.22
C LEU A 63 -5.21 15.78 -16.64
N PRO A 64 -5.43 16.65 -15.66
CA PRO A 64 -6.78 16.86 -15.12
C PRO A 64 -7.71 17.45 -16.16
N ALA A 65 -8.99 17.46 -15.83
CA ALA A 65 -9.99 18.00 -16.76
C ALA A 65 -9.75 19.47 -17.06
N SER A 66 -9.23 20.23 -16.09
CA SER A 66 -9.01 21.64 -16.36
C SER A 66 -7.77 21.85 -17.24
N SER A 67 -6.69 21.12 -16.94
CA SER A 67 -5.37 21.41 -17.51
C SER A 67 -5.43 21.52 -19.02
N ILE A 68 -5.90 20.47 -19.68
CA ILE A 68 -5.92 20.46 -21.13
C ILE A 68 -7.34 20.72 -21.61
N ASN A 69 -7.44 21.11 -22.88
CA ASN A 69 -8.69 21.41 -23.53
C ASN A 69 -9.03 20.42 -24.63
N ASP A 70 -8.09 19.56 -25.02
CA ASP A 70 -8.43 18.42 -25.85
C ASP A 70 -9.30 17.48 -25.01
N MET A 71 -10.60 17.44 -25.30
CA MET A 71 -11.51 16.60 -24.56
C MET A 71 -10.92 15.21 -24.27
N GLU A 72 -10.47 14.53 -25.31
CA GLU A 72 -10.04 13.15 -25.21
C GLU A 72 -8.72 12.98 -24.48
N LYS A 73 -8.02 14.08 -24.18
CA LYS A 73 -6.86 14.01 -23.30
C LYS A 73 -7.18 14.23 -21.82
N ARG A 74 -8.38 14.70 -21.48
CA ARG A 74 -8.72 14.98 -20.09
C ARG A 74 -8.84 13.68 -19.30
N PHE A 75 -8.50 13.75 -18.02
CA PHE A 75 -8.36 12.56 -17.18
C PHE A 75 -7.35 11.60 -17.78
N GLY A 76 -6.42 12.14 -18.57
CA GLY A 76 -5.51 11.31 -19.33
C GLY A 76 -4.25 10.91 -18.59
N CYS A 77 -3.95 9.61 -18.59
CA CYS A 77 -2.87 9.00 -17.83
C CYS A 77 -1.90 8.33 -18.80
N PHE A 78 -0.66 8.80 -18.81
CA PHE A 78 0.35 8.39 -19.77
C PHE A 78 1.50 7.72 -19.04
N LEU A 79 1.73 6.44 -19.31
CA LEU A 79 2.76 5.65 -18.63
C LEU A 79 4.01 5.62 -19.49
N LYS A 80 5.18 5.76 -18.85
CA LYS A 80 6.39 6.04 -19.60
C LYS A 80 7.58 5.25 -19.07
N ASP A 81 8.48 4.89 -19.99
CA ASP A 81 9.74 4.24 -19.67
C ASP A 81 10.86 5.06 -20.27
N SER A 82 12.05 4.94 -19.69
CA SER A 82 13.23 5.60 -20.25
C SER A 82 14.47 4.84 -19.80
N VAL A 83 15.38 4.58 -20.75
CA VAL A 83 16.57 3.82 -20.43
C VAL A 83 17.45 4.56 -19.44
N THR A 84 17.35 5.88 -19.38
CA THR A 84 18.09 6.68 -18.41
C THR A 84 17.36 6.84 -17.10
N GLY A 85 16.08 6.50 -17.05
CA GLY A 85 15.29 6.82 -15.88
C GLY A 85 14.79 8.24 -15.85
N THR A 86 14.95 8.98 -16.95
CA THR A 86 14.58 10.38 -16.99
C THR A 86 14.05 10.70 -18.38
N LEU A 87 13.30 11.80 -18.47
CA LEU A 87 12.69 12.24 -19.70
C LEU A 87 12.67 13.77 -19.67
N PRO A 88 12.67 14.43 -20.84
CA PRO A 88 12.49 15.88 -20.85
C PRO A 88 11.17 16.28 -20.19
N LYS A 89 11.22 17.34 -19.40
CA LYS A 89 10.08 17.81 -18.62
C LYS A 89 9.61 19.13 -19.20
N VAL A 90 8.32 19.22 -19.57
CA VAL A 90 7.76 20.41 -20.19
C VAL A 90 6.68 20.98 -19.29
N HIS A 91 6.64 22.30 -19.21
CA HIS A 91 5.65 22.97 -18.39
C HIS A 91 4.28 22.91 -19.04
N ARG A 92 3.27 22.70 -18.20
CA ARG A 92 1.89 22.55 -18.66
C ARG A 92 1.01 22.73 -17.44
N THR A 93 0.17 23.76 -17.46
CA THR A 93 -0.54 24.16 -16.25
C THR A 93 -1.53 23.07 -15.85
N GLY A 94 -1.33 22.52 -14.66
CA GLY A 94 -2.24 21.56 -14.07
C GLY A 94 -1.80 20.12 -14.25
N ALA A 95 -0.85 19.85 -15.14
CA ALA A 95 -0.36 18.49 -15.33
C ALA A 95 0.49 18.07 -14.14
N VAL A 96 0.31 16.83 -13.71
CA VAL A 96 1.00 16.25 -12.57
C VAL A 96 1.87 15.12 -13.06
N SER A 97 3.19 15.24 -12.93
CA SER A 97 4.07 14.12 -13.28
C SER A 97 4.72 13.57 -12.02
N GLY A 98 5.32 12.40 -12.14
CA GLY A 98 5.94 11.76 -10.99
C GLY A 98 6.50 10.41 -11.36
N HIS A 99 6.89 9.62 -10.35
CA HIS A 99 7.55 8.34 -10.61
C HIS A 99 6.63 7.17 -10.25
N SER A 100 6.88 6.01 -10.86
CA SER A 100 6.36 4.78 -10.27
C SER A 100 6.82 4.66 -8.81
N LEU A 101 6.07 3.92 -8.02
CA LEU A 101 6.53 3.54 -6.69
C LEU A 101 7.22 2.18 -6.69
N LYS A 102 7.73 1.72 -7.83
CA LYS A 102 8.62 0.57 -7.77
C LYS A 102 9.73 0.88 -6.77
N GLN A 103 10.13 -0.16 -6.03
CA GLN A 103 11.19 -0.12 -5.00
C GLN A 103 10.75 0.61 -3.72
N CYS A 104 9.46 0.85 -3.52
CA CYS A 104 8.98 1.61 -2.37
C CYS A 104 8.38 0.71 -1.27
N GLY A 105 8.52 -0.60 -1.39
CA GLY A 105 8.19 -1.50 -0.27
C GLY A 105 6.72 -1.49 0.08
N HIS A 106 6.43 -1.40 1.37
CA HIS A 106 5.06 -1.48 1.80
C HIS A 106 4.24 -0.27 1.38
N GLN A 107 4.86 0.74 0.77
CA GLN A 107 4.08 1.82 0.18
C GLN A 107 3.43 1.41 -1.15
N ILE A 108 3.82 0.28 -1.71
CA ILE A 108 3.18 -0.27 -2.91
C ILE A 108 1.84 -0.89 -2.51
N SER A 109 0.79 -0.53 -3.24
CA SER A 109 -0.54 -0.99 -2.88
C SER A 109 -1.49 -0.86 -4.06
N ALA A 110 -2.19 -1.94 -4.36
CA ALA A 110 -3.27 -2.01 -5.34
C ALA A 110 -4.58 -1.41 -4.86
N CYS A 111 -4.62 -0.82 -3.67
CA CYS A 111 -5.89 -0.42 -3.08
C CYS A 111 -6.14 1.07 -3.29
N HIS A 112 -7.39 1.42 -3.60
CA HIS A 112 -7.72 2.80 -3.96
C HIS A 112 -9.20 3.02 -3.66
N ARG A 113 -9.50 3.62 -2.50
CA ARG A 113 -10.87 3.70 -2.07
C ARG A 113 -11.50 5.06 -2.28
N ASP A 114 -10.81 5.99 -2.93
CA ASP A 114 -11.36 7.32 -3.16
C ASP A 114 -12.64 7.25 -3.98
N ILE A 115 -13.63 8.02 -3.56
CA ILE A 115 -14.88 8.21 -4.28
C ILE A 115 -14.87 9.60 -4.90
N TYR A 116 -15.14 9.67 -6.20
CA TYR A 116 -15.04 10.93 -6.94
C TYR A 116 -16.43 11.54 -7.15
N LYS A 117 -16.66 12.67 -6.49
CA LYS A 117 -17.91 13.39 -6.66
C LYS A 117 -17.93 14.10 -8.00
N GLY A 118 -19.08 14.10 -8.66
CA GLY A 118 -19.23 14.84 -9.90
C GLY A 118 -18.49 14.23 -11.05
N VAL A 119 -18.23 12.94 -10.98
CA VAL A 119 -17.40 12.28 -11.98
C VAL A 119 -18.08 10.99 -12.44
N ASP A 120 -18.15 10.77 -13.75
CA ASP A 120 -18.76 9.56 -14.30
C ASP A 120 -17.69 8.75 -15.04
N MET A 121 -17.29 7.62 -14.45
CA MET A 121 -16.35 6.72 -15.10
C MET A 121 -17.13 5.63 -15.83
N ARG A 122 -16.92 5.53 -17.14
CA ARG A 122 -17.72 4.69 -18.00
C ARG A 122 -16.96 3.44 -18.38
N GLY A 123 -17.73 2.39 -18.67
CA GLY A 123 -17.22 1.08 -19.08
C GLY A 123 -18.35 0.21 -19.60
N VAL A 124 -18.23 -1.10 -19.48
CA VAL A 124 -19.31 -2.01 -19.85
C VAL A 124 -20.27 -2.14 -18.67
N ASN A 125 -21.45 -1.54 -18.79
CA ASN A 125 -22.44 -1.63 -17.72
C ASN A 125 -23.07 -3.02 -17.77
N PHE A 126 -22.76 -3.86 -16.77
CA PHE A 126 -23.27 -5.22 -16.75
C PHE A 126 -24.24 -5.48 -15.60
N ASN A 127 -24.51 -4.51 -14.73
CA ASN A 127 -25.37 -4.77 -13.59
C ASN A 127 -25.89 -3.43 -13.06
N VAL A 128 -27.20 -3.36 -12.80
CA VAL A 128 -27.88 -2.12 -12.44
C VAL A 128 -28.83 -2.39 -11.28
N SER A 129 -28.78 -1.52 -10.26
CA SER A 129 -29.54 -1.71 -9.03
C SER A 129 -29.98 -0.35 -8.48
N LYS A 130 -30.81 -0.40 -7.43
CA LYS A 130 -31.25 0.78 -6.70
C LYS A 130 -30.80 0.65 -5.25
N VAL A 131 -29.99 1.60 -4.78
CA VAL A 131 -29.38 1.54 -3.47
C VAL A 131 -29.54 2.89 -2.78
N SER A 132 -29.41 2.87 -1.45
CA SER A 132 -29.72 4.04 -0.64
C SER A 132 -28.62 5.10 -0.66
N SER A 133 -27.38 4.73 -0.93
CA SER A 133 -26.28 5.67 -0.84
C SER A 133 -25.18 5.27 -1.82
N VAL A 134 -24.27 6.21 -2.09
CA VAL A 134 -23.07 5.85 -2.82
C VAL A 134 -22.35 4.71 -2.11
N GLU A 135 -22.28 4.76 -0.78
CA GLU A 135 -21.61 3.70 -0.04
C GLU A 135 -22.22 2.35 -0.35
N GLU A 136 -23.55 2.29 -0.40
CA GLU A 136 -24.21 1.04 -0.76
C GLU A 136 -23.78 0.58 -2.15
N CYS A 137 -23.57 1.53 -3.06
CA CYS A 137 -23.13 1.18 -4.41
C CYS A 137 -21.71 0.63 -4.38
N GLN A 138 -20.79 1.33 -3.71
CA GLN A 138 -19.43 0.84 -3.59
C GLN A 138 -19.40 -0.57 -3.02
N LYS A 139 -20.29 -0.88 -2.07
CA LYS A 139 -20.30 -2.20 -1.47
C LYS A 139 -20.74 -3.27 -2.47
N ARG A 140 -21.80 -2.98 -3.24
CA ARG A 140 -22.25 -3.93 -4.24
C ARG A 140 -21.17 -4.19 -5.28
N CYS A 141 -20.49 -3.13 -5.72
CA CYS A 141 -19.36 -3.33 -6.62
C CYS A 141 -18.30 -4.22 -5.98
N THR A 142 -17.96 -3.92 -4.73
CA THR A 142 -16.90 -4.65 -4.04
C THR A 142 -17.21 -6.14 -3.91
N ASN A 143 -18.49 -6.49 -3.76
CA ASN A 143 -18.89 -7.87 -3.52
C ASN A 143 -19.23 -8.64 -4.79
N ASN A 144 -19.22 -7.96 -5.93
CA ASN A 144 -19.48 -8.58 -7.21
C ASN A 144 -18.16 -8.93 -7.88
N ILE A 145 -17.94 -10.23 -8.09
CA ILE A 145 -16.67 -10.71 -8.60
C ILE A 145 -16.29 -10.01 -9.90
N ARG A 146 -17.27 -9.57 -10.66
CA ARG A 146 -17.04 -8.94 -11.95
C ARG A 146 -16.90 -7.42 -11.90
N CYS A 147 -17.23 -6.78 -10.78
CA CYS A 147 -17.22 -5.33 -10.76
C CYS A 147 -15.82 -4.80 -10.59
N GLN A 148 -15.47 -3.80 -11.41
CA GLN A 148 -14.17 -3.16 -11.29
C GLN A 148 -14.27 -1.74 -10.78
N PHE A 149 -15.32 -1.02 -11.19
CA PHE A 149 -15.64 0.32 -10.74
C PHE A 149 -17.13 0.51 -11.00
N PHE A 150 -17.65 1.66 -10.58
CA PHE A 150 -19.09 1.86 -10.53
C PHE A 150 -19.39 3.34 -10.64
N SER A 151 -20.67 3.65 -10.84
CA SER A 151 -21.13 5.01 -10.80
C SER A 151 -22.49 5.03 -10.13
N TYR A 152 -22.71 6.04 -9.30
CA TYR A 152 -23.92 6.21 -8.53
C TYR A 152 -24.47 7.59 -8.85
N ALA A 153 -25.77 7.68 -9.12
CA ALA A 153 -26.43 8.93 -9.46
C ALA A 153 -27.36 9.37 -8.33
N THR A 154 -27.66 10.67 -8.31
CA THR A 154 -28.49 11.24 -7.26
C THR A 154 -29.30 12.43 -7.76
N ASN A 164 -31.09 7.28 -7.66
CA ASN A 164 -30.11 6.58 -6.82
C ASN A 164 -29.83 5.16 -7.31
N ASN A 165 -29.77 4.98 -8.63
CA ASN A 165 -29.44 3.67 -9.18
C ASN A 165 -27.94 3.52 -9.32
N CYS A 166 -27.50 2.27 -9.30
CA CYS A 166 -26.11 1.91 -9.07
C CYS A 166 -25.64 1.04 -10.21
N LEU A 167 -24.56 1.45 -10.86
CA LEU A 167 -24.06 0.82 -12.07
C LEU A 167 -22.73 0.17 -11.77
N LEU A 168 -22.64 -1.16 -11.96
CA LEU A 168 -21.38 -1.90 -11.83
C LEU A 168 -20.78 -2.13 -13.21
N LYS A 169 -19.46 -2.06 -13.31
CA LYS A 169 -18.80 -1.93 -14.60
C LYS A 169 -17.48 -2.66 -14.64
N TYR A 170 -17.13 -3.17 -15.82
CA TYR A 170 -15.77 -3.59 -16.09
C TYR A 170 -15.34 -2.96 -17.41
N SER A 171 -14.07 -3.13 -17.77
CA SER A 171 -13.55 -2.51 -18.97
C SER A 171 -12.26 -3.22 -19.36
N PRO A 172 -11.82 -3.08 -20.62
CA PRO A 172 -10.44 -3.46 -20.97
C PRO A 172 -9.43 -2.89 -19.99
N GLY A 173 -8.62 -3.74 -19.37
CA GLY A 173 -7.58 -3.24 -18.49
C GLY A 173 -8.06 -2.62 -17.19
N GLY A 174 -9.37 -2.65 -16.90
CA GLY A 174 -9.84 -2.14 -15.62
C GLY A 174 -9.88 -0.63 -15.49
N THR A 175 -9.50 0.11 -16.50
CA THR A 175 -9.68 1.54 -16.34
C THR A 175 -10.88 2.03 -17.15
N PRO A 176 -11.51 3.14 -16.81
CA PRO A 176 -12.70 3.55 -17.56
C PRO A 176 -12.39 3.88 -19.01
N THR A 177 -13.33 3.49 -19.89
CA THR A 177 -13.17 3.80 -21.31
C THR A 177 -13.42 5.27 -21.57
N ALA A 178 -14.10 5.96 -20.66
CA ALA A 178 -14.19 7.41 -20.67
C ALA A 178 -14.46 7.87 -19.24
N ILE A 179 -14.16 9.15 -18.99
CA ILE A 179 -14.44 9.80 -17.71
C ILE A 179 -14.98 11.18 -18.04
N LYS A 180 -16.20 11.47 -17.61
CA LYS A 180 -16.81 12.75 -17.89
C LYS A 180 -17.21 13.42 -16.58
N VAL A 181 -17.24 14.75 -16.62
CA VAL A 181 -17.68 15.55 -15.49
C VAL A 181 -19.20 15.66 -15.56
N LEU A 182 -19.87 15.07 -14.57
CA LEU A 182 -21.32 15.18 -14.46
C LEU A 182 -21.66 15.43 -12.99
N SER A 183 -22.33 16.54 -12.71
CA SER A 183 -22.37 17.05 -11.34
C SER A 183 -23.03 16.09 -10.37
N ASN A 184 -24.04 15.34 -10.80
CA ASN A 184 -24.78 14.48 -9.87
C ASN A 184 -24.44 13.00 -10.02
N VAL A 185 -23.19 12.70 -10.36
CA VAL A 185 -22.72 11.33 -10.45
C VAL A 185 -21.46 11.20 -9.62
N GLU A 186 -21.39 10.15 -8.81
CA GLU A 186 -20.18 9.80 -8.09
C GLU A 186 -19.70 8.44 -8.58
N SER A 187 -18.40 8.25 -8.60
CA SER A 187 -17.81 7.03 -9.11
C SER A 187 -16.66 6.62 -8.20
N GLY A 188 -16.36 5.34 -8.25
CA GLY A 188 -15.20 4.82 -7.56
C GLY A 188 -14.91 3.41 -7.99
N PHE A 189 -13.87 2.87 -7.40
CA PHE A 189 -13.36 1.55 -7.72
C PHE A 189 -13.81 0.52 -6.70
N SER A 190 -13.91 -0.73 -7.18
CA SER A 190 -14.09 -1.85 -6.29
C SER A 190 -13.03 -1.83 -5.19
N LEU A 191 -13.45 -2.09 -3.95
CA LEU A 191 -12.50 -2.21 -2.85
C LEU A 191 -11.98 -3.64 -2.67
N LYS A 192 -12.27 -4.55 -3.62
CA LYS A 192 -11.63 -5.87 -3.61
C LYS A 192 -10.16 -5.83 -3.24
N PRO A 193 -9.31 -5.03 -3.91
CA PRO A 193 -7.88 -5.01 -3.56
C PRO A 193 -7.57 -4.31 -2.24
N CYS A 194 -8.58 -3.81 -1.53
CA CYS A 194 -8.42 -3.32 -0.18
C CYS A 194 -8.85 -4.34 0.86
N ALA A 195 -9.06 -5.60 0.46
CA ALA A 195 -9.37 -6.67 1.40
C ALA A 195 -10.76 -6.54 1.99
N LEU A 196 -11.68 -5.81 1.36
CA LEU A 196 -13.01 -5.59 1.91
C LEU A 196 -14.09 -6.42 1.22
N SER A 197 -13.72 -7.33 0.32
CA SER A 197 -14.71 -8.12 -0.40
C SER A 197 -15.20 -9.29 0.45
N GLU A 198 -16.51 -9.49 0.46
CA GLU A 198 -17.06 -10.69 1.10
C GLU A 198 -17.00 -11.90 0.19
N ILE A 199 -16.68 -11.71 -1.08
CA ILE A 199 -16.40 -12.81 -1.99
C ILE A 199 -15.36 -13.71 -1.35
N GLY A 200 -15.47 -15.01 -1.60
CA GLY A 200 -14.54 -15.95 -0.99
C GLY A 200 -13.14 -15.85 -1.57
N CYS A 201 -12.20 -16.41 -0.81
CA CYS A 201 -10.80 -16.55 -1.21
C CYS A 201 -10.52 -18.02 -1.45
N HIS A 202 -10.01 -18.37 -2.64
CA HIS A 202 -9.85 -19.78 -3.03
C HIS A 202 -8.39 -20.16 -3.23
N MET A 203 -7.79 -20.75 -2.21
CA MET A 203 -6.39 -21.11 -2.25
C MET A 203 -6.14 -22.42 -2.96
N ASN A 204 -7.20 -23.12 -3.36
CA ASN A 204 -7.07 -24.41 -4.03
C ASN A 204 -6.44 -24.28 -5.40
N ILE A 205 -5.45 -25.11 -5.70
CA ILE A 205 -5.07 -25.34 -7.09
C ILE A 205 -5.46 -26.76 -7.47
N PHE A 206 -5.66 -26.97 -8.78
CA PHE A 206 -6.19 -28.22 -9.29
C PHE A 206 -5.14 -28.89 -10.17
N GLN A 207 -4.67 -30.06 -9.76
CA GLN A 207 -3.71 -30.80 -10.55
C GLN A 207 -4.39 -31.47 -11.73
N HIS A 208 -3.67 -31.54 -12.84
CA HIS A 208 -4.14 -32.13 -14.08
C HIS A 208 -5.58 -31.71 -14.41
N LEU A 209 -5.80 -30.40 -14.40
CA LEU A 209 -7.14 -29.88 -14.67
C LEU A 209 -7.03 -28.52 -15.35
N ALA A 210 -7.68 -28.38 -16.51
CA ALA A 210 -7.63 -27.18 -17.31
C ALA A 210 -8.99 -26.48 -17.33
N PHE A 211 -8.93 -25.15 -17.39
CA PHE A 211 -10.08 -24.27 -17.60
C PHE A 211 -10.12 -23.85 -19.08
N SER A 212 -11.30 -23.46 -19.53
CA SER A 212 -11.40 -22.94 -20.89
C SER A 212 -11.69 -21.44 -20.98
N ASP A 213 -12.97 -21.07 -21.00
CA ASP A 213 -13.45 -19.69 -20.99
C ASP A 213 -12.79 -18.67 -21.93
N VAL A 214 -12.32 -17.52 -21.40
CA VAL A 214 -11.90 -16.38 -22.24
C VAL A 214 -10.46 -16.17 -21.81
N ASP A 215 -9.53 -16.41 -22.72
CA ASP A 215 -8.11 -16.15 -22.48
C ASP A 215 -7.87 -14.65 -22.62
N VAL A 216 -7.44 -13.99 -21.55
CA VAL A 216 -7.15 -12.57 -21.60
C VAL A 216 -5.66 -12.28 -21.76
N ALA A 217 -4.77 -13.22 -21.41
CA ALA A 217 -3.36 -12.97 -21.65
C ALA A 217 -2.58 -14.25 -21.39
N ARG A 218 -1.35 -14.24 -21.88
CA ARG A 218 -0.56 -15.46 -21.99
C ARG A 218 0.88 -15.07 -21.71
N VAL A 219 1.50 -15.70 -20.71
CA VAL A 219 2.89 -15.39 -20.35
C VAL A 219 3.54 -16.68 -19.91
N LEU A 220 4.87 -16.70 -19.91
CA LEU A 220 5.63 -17.84 -19.41
C LEU A 220 5.90 -17.66 -17.92
N THR A 221 5.63 -18.69 -17.12
CA THR A 221 5.98 -18.72 -15.70
C THR A 221 6.67 -20.02 -15.37
N PRO A 222 7.55 -20.02 -14.36
CA PRO A 222 8.26 -21.25 -14.01
C PRO A 222 7.41 -22.27 -13.26
N ASP A 223 6.33 -21.85 -12.60
CA ASP A 223 5.42 -22.74 -11.89
C ASP A 223 4.04 -22.11 -11.86
N ALA A 224 3.11 -22.78 -11.17
CA ALA A 224 1.71 -22.36 -11.15
C ALA A 224 1.46 -21.21 -10.19
N PHE A 225 2.26 -21.07 -9.13
CA PHE A 225 2.01 -20.01 -8.16
C PHE A 225 2.43 -18.65 -8.69
N VAL A 226 3.54 -18.58 -9.42
CA VAL A 226 3.88 -17.35 -10.11
C VAL A 226 2.74 -16.95 -11.03
N CYS A 227 2.20 -17.91 -11.76
CA CYS A 227 1.09 -17.64 -12.66
C CYS A 227 -0.13 -17.16 -11.88
N ARG A 228 -0.43 -17.83 -10.77
CA ARG A 228 -1.54 -17.37 -9.93
C ARG A 228 -1.28 -15.95 -9.41
N THR A 229 -0.05 -15.64 -9.01
CA THR A 229 0.18 -14.27 -8.55
C THR A 229 0.02 -13.25 -9.68
N ILE A 230 0.53 -13.53 -10.88
CA ILE A 230 0.27 -12.64 -12.02
C ILE A 230 -1.24 -12.52 -12.25
N CYS A 231 -1.99 -13.64 -12.16
CA CYS A 231 -3.44 -13.53 -12.33
C CYS A 231 -4.03 -12.57 -11.30
N THR A 232 -3.61 -12.68 -10.05
CA THR A 232 -4.19 -11.89 -8.96
C THR A 232 -4.08 -10.38 -9.24
N TYR A 233 -2.93 -9.92 -9.73
CA TYR A 233 -2.77 -8.49 -10.00
C TYR A 233 -3.13 -8.08 -11.42
N HIS A 234 -3.57 -9.00 -12.25
CA HIS A 234 -3.97 -8.64 -13.60
C HIS A 234 -5.41 -8.14 -13.58
N PRO A 235 -5.69 -6.95 -14.12
CA PRO A 235 -7.06 -6.39 -14.05
C PRO A 235 -8.17 -7.35 -14.45
N ASN A 236 -8.06 -8.03 -15.58
CA ASN A 236 -9.15 -8.85 -16.10
C ASN A 236 -8.91 -10.36 -15.91
N CYS A 237 -8.17 -10.76 -14.89
CA CYS A 237 -7.95 -12.18 -14.63
C CYS A 237 -8.73 -12.62 -13.40
N LEU A 238 -9.51 -13.67 -13.54
CA LEU A 238 -10.18 -14.27 -12.38
C LEU A 238 -9.75 -15.69 -12.08
N PHE A 239 -9.18 -16.41 -13.04
CA PHE A 239 -8.61 -17.75 -12.80
C PHE A 239 -7.58 -18.01 -13.88
N PHE A 240 -6.93 -19.18 -13.79
CA PHE A 240 -5.80 -19.42 -14.66
C PHE A 240 -5.65 -20.91 -14.89
N THR A 241 -4.98 -21.21 -15.98
CA THR A 241 -4.50 -22.57 -16.21
C THR A 241 -3.04 -22.44 -16.60
N PHE A 242 -2.20 -23.21 -15.92
CA PHE A 242 -0.77 -23.24 -16.17
C PHE A 242 -0.38 -24.58 -16.78
N TYR A 243 0.56 -24.57 -17.73
CA TYR A 243 1.01 -25.77 -18.44
C TYR A 243 2.45 -26.08 -18.05
N THR A 244 2.66 -27.22 -17.39
CA THR A 244 3.99 -27.55 -16.89
C THR A 244 4.93 -27.85 -18.05
N ASN A 245 6.21 -28.00 -17.73
CA ASN A 245 7.19 -28.33 -18.75
C ASN A 245 7.18 -29.81 -19.12
N VAL A 246 6.44 -30.65 -18.39
CA VAL A 246 6.17 -32.01 -18.86
C VAL A 246 5.02 -32.07 -19.83
N TRP A 247 4.39 -30.92 -20.13
CA TRP A 247 3.23 -30.89 -21.01
C TRP A 247 3.54 -31.54 -22.36
N LYS A 248 2.63 -32.41 -22.81
CA LYS A 248 2.71 -33.07 -24.11
C LYS A 248 3.34 -32.17 -25.18
N ILE A 249 2.65 -31.07 -25.49
CA ILE A 249 3.05 -30.20 -26.58
C ILE A 249 4.20 -29.31 -26.11
N GLU A 250 5.37 -29.50 -26.71
CA GLU A 250 6.56 -28.83 -26.20
C GLU A 250 6.48 -27.32 -26.31
N SER A 251 5.89 -26.81 -27.39
CA SER A 251 5.89 -25.38 -27.62
C SER A 251 5.01 -24.62 -26.63
N GLN A 252 4.19 -25.31 -25.85
CA GLN A 252 3.28 -24.67 -24.91
C GLN A 252 3.71 -24.87 -23.46
N ARG A 253 4.91 -25.43 -23.25
CA ARG A 253 5.35 -25.69 -21.88
C ARG A 253 5.58 -24.38 -21.12
N ASN A 254 5.25 -24.40 -19.84
CA ASN A 254 5.33 -23.24 -18.95
C ASN A 254 4.38 -22.11 -19.33
N VAL A 255 3.44 -22.32 -20.27
CA VAL A 255 2.52 -21.25 -20.61
C VAL A 255 1.53 -21.06 -19.47
N CYS A 256 1.41 -19.80 -19.03
CA CYS A 256 0.46 -19.39 -18.02
C CYS A 256 -0.66 -18.63 -18.71
N LEU A 257 -1.87 -19.17 -18.67
CA LEU A 257 -3.02 -18.59 -19.34
C LEU A 257 -3.89 -17.88 -18.31
N LEU A 258 -3.96 -16.56 -18.40
CA LEU A 258 -4.83 -15.76 -17.56
C LEU A 258 -6.22 -15.72 -18.19
N LYS A 259 -7.27 -15.93 -17.39
CA LYS A 259 -8.59 -16.15 -17.96
C LYS A 259 -9.67 -15.43 -17.16
N THR A 260 -10.84 -15.30 -17.77
CA THR A 260 -12.04 -14.82 -17.07
C THR A 260 -13.29 -15.37 -17.76
N SER A 261 -14.45 -14.95 -17.26
CA SER A 261 -15.72 -15.28 -17.90
C SER A 261 -16.79 -14.31 -17.46
N GLU A 262 -17.94 -14.35 -18.15
CA GLU A 262 -19.05 -13.47 -17.78
C GLU A 262 -19.47 -13.69 -16.33
N SER A 263 -19.72 -14.95 -15.94
CA SER A 263 -20.17 -15.21 -14.58
C SER A 263 -19.07 -14.87 -13.59
N GLY A 264 -17.82 -14.89 -14.01
CA GLY A 264 -16.74 -14.74 -13.08
C GLY A 264 -16.20 -16.05 -12.54
N THR A 265 -16.91 -17.15 -12.73
CA THR A 265 -16.34 -18.44 -12.37
C THR A 265 -16.24 -19.33 -13.61
N PRO A 266 -15.28 -20.26 -13.62
CA PRO A 266 -15.14 -21.15 -14.78
C PRO A 266 -16.47 -21.84 -15.07
N SER A 267 -16.80 -21.95 -16.36
CA SER A 267 -18.01 -22.61 -16.77
C SER A 267 -17.78 -24.08 -17.11
N SER A 268 -16.53 -24.52 -17.13
CA SER A 268 -16.21 -25.93 -17.32
C SER A 268 -14.83 -26.17 -16.73
N SER A 269 -14.49 -27.44 -16.61
CA SER A 269 -13.17 -27.86 -16.17
C SER A 269 -12.89 -29.21 -16.80
N THR A 270 -11.76 -29.32 -17.47
CA THR A 270 -11.40 -30.48 -18.26
C THR A 270 -10.21 -31.17 -17.63
N PRO A 271 -10.29 -32.47 -17.33
CA PRO A 271 -9.10 -33.17 -16.84
C PRO A 271 -8.04 -33.24 -17.92
N GLN A 272 -6.80 -33.03 -17.51
CA GLN A 272 -5.73 -32.75 -18.46
C GLN A 272 -4.38 -32.99 -17.80
N GLU A 273 -3.66 -33.99 -18.28
CA GLU A 273 -2.37 -34.33 -17.71
C GLU A 273 -1.39 -33.17 -17.86
N ASN A 274 -0.70 -32.83 -16.76
CA ASN A 274 0.37 -31.85 -16.77
C ASN A 274 -0.19 -30.43 -16.91
N THR A 275 -1.18 -30.11 -16.09
CA THR A 275 -1.99 -28.92 -16.24
C THR A 275 -2.44 -28.51 -14.84
N ILE A 276 -2.20 -27.26 -14.43
CA ILE A 276 -2.50 -26.79 -13.07
C ILE A 276 -3.34 -25.52 -13.15
N SER A 277 -4.50 -25.55 -12.51
CA SER A 277 -5.42 -24.43 -12.56
C SER A 277 -5.66 -23.92 -11.14
N GLY A 278 -6.10 -22.68 -11.07
CA GLY A 278 -6.39 -22.05 -9.80
C GLY A 278 -7.04 -20.71 -10.05
N TYR A 279 -7.14 -19.92 -8.98
CA TYR A 279 -7.92 -18.69 -9.03
C TYR A 279 -7.07 -17.49 -8.65
N SER A 280 -7.43 -16.33 -9.20
CA SER A 280 -6.93 -15.07 -8.64
C SER A 280 -7.18 -15.07 -7.14
N LEU A 281 -6.20 -14.57 -6.38
CA LEU A 281 -6.37 -14.42 -4.94
C LEU A 281 -6.63 -12.99 -4.53
N LEU A 282 -7.18 -12.17 -5.43
CA LEU A 282 -7.28 -10.74 -5.13
C LEU A 282 -8.27 -10.47 -3.99
N THR A 283 -9.26 -11.34 -3.79
CA THR A 283 -10.24 -11.15 -2.73
C THR A 283 -9.74 -11.63 -1.38
N CYS A 284 -8.56 -12.24 -1.32
CA CYS A 284 -8.09 -12.86 -0.09
C CYS A 284 -7.67 -11.80 0.92
N LYS A 285 -8.08 -11.98 2.18
CA LYS A 285 -7.82 -10.96 3.18
C LYS A 285 -6.44 -11.07 3.82
N ARG A 286 -5.99 -12.30 4.11
CA ARG A 286 -4.73 -12.48 4.80
C ARG A 286 -3.78 -13.44 4.09
N THR A 287 -4.18 -13.96 2.91
CA THR A 287 -3.28 -14.73 2.07
C THR A 287 -3.08 -14.06 0.71
N LEU A 288 -3.29 -12.76 0.62
CA LEU A 288 -3.04 -12.04 -0.61
C LEU A 288 -1.56 -12.13 -0.94
N PRO A 289 -1.16 -12.80 -2.02
CA PRO A 289 0.26 -12.90 -2.34
C PRO A 289 0.86 -11.53 -2.61
N GLU A 290 2.13 -11.40 -2.26
CA GLU A 290 2.92 -10.23 -2.60
C GLU A 290 3.03 -10.12 -4.12
N PRO A 291 2.98 -8.92 -4.71
CA PRO A 291 3.08 -8.85 -6.17
C PRO A 291 4.52 -8.91 -6.67
N CYS A 292 5.32 -9.80 -6.11
CA CYS A 292 6.64 -10.15 -6.63
C CYS A 292 6.82 -11.65 -6.43
N HIS A 293 7.79 -12.22 -7.13
CA HIS A 293 8.08 -13.64 -7.06
C HIS A 293 9.52 -13.82 -6.61
N SER A 294 9.69 -14.26 -5.37
CA SER A 294 10.97 -14.24 -4.70
C SER A 294 11.66 -15.60 -4.64
N LYS A 295 11.13 -16.61 -5.31
CA LYS A 295 11.81 -17.90 -5.32
C LYS A 295 12.93 -17.93 -6.37
N ILE A 296 13.96 -18.72 -6.08
CA ILE A 296 15.11 -18.92 -6.97
C ILE A 296 14.92 -20.26 -7.68
N TYR A 297 15.20 -20.31 -8.98
CA TYR A 297 14.94 -21.51 -9.80
C TYR A 297 16.22 -22.09 -10.39
N PRO A 298 16.79 -23.13 -9.79
CA PRO A 298 18.01 -23.73 -10.34
C PRO A 298 17.76 -24.48 -11.64
N GLY A 299 18.78 -24.52 -12.49
CA GLY A 299 18.70 -25.27 -13.73
C GLY A 299 17.84 -24.68 -14.81
N VAL A 300 17.38 -23.43 -14.63
CA VAL A 300 16.50 -22.75 -15.57
C VAL A 300 17.15 -21.47 -16.04
N ASP A 301 16.95 -21.14 -17.31
CA ASP A 301 17.33 -19.84 -17.86
C ASP A 301 16.06 -19.06 -18.20
N PHE A 302 16.05 -17.76 -17.89
CA PHE A 302 14.97 -16.84 -18.24
C PHE A 302 15.45 -15.96 -19.38
N GLY A 303 14.89 -16.18 -20.57
CA GLY A 303 15.23 -15.35 -21.70
C GLY A 303 14.55 -14.00 -21.67
N GLY A 304 15.24 -13.00 -22.19
CA GLY A 304 14.62 -11.73 -22.45
C GLY A 304 15.61 -10.80 -23.13
N GLU A 305 15.25 -9.53 -23.15
CA GLU A 305 16.21 -8.51 -23.57
C GLU A 305 17.32 -8.39 -22.54
N GLU A 306 18.57 -8.37 -23.01
CA GLU A 306 19.70 -8.20 -22.12
C GLU A 306 19.83 -6.73 -21.75
N LEU A 307 19.92 -6.47 -20.45
CA LEU A 307 20.01 -5.10 -19.95
C LEU A 307 21.42 -4.78 -19.50
N ASN A 308 22.03 -5.65 -18.69
CA ASN A 308 23.42 -5.47 -18.29
C ASN A 308 23.91 -6.83 -17.79
N VAL A 309 25.23 -7.03 -17.83
CA VAL A 309 25.87 -8.25 -17.34
C VAL A 309 27.07 -7.85 -16.49
N THR A 310 27.15 -8.40 -15.28
CA THR A 310 28.29 -8.18 -14.40
C THR A 310 28.59 -9.43 -13.58
N PHE A 311 29.85 -9.52 -13.13
CA PHE A 311 30.32 -10.66 -12.35
C PHE A 311 30.06 -10.40 -10.87
N VAL A 312 29.07 -11.09 -10.30
CA VAL A 312 28.76 -11.01 -8.87
C VAL A 312 29.09 -12.35 -8.22
N LYS A 313 29.08 -12.36 -6.88
CA LYS A 313 29.43 -13.57 -6.12
C LYS A 313 28.15 -14.26 -5.64
N GLY A 314 27.52 -15.03 -6.54
CA GLY A 314 26.43 -15.89 -6.16
C GLY A 314 25.07 -15.36 -6.58
N VAL A 315 24.09 -16.26 -6.55
CA VAL A 315 22.78 -15.96 -7.13
C VAL A 315 22.10 -14.86 -6.37
N ASN A 316 22.22 -14.86 -5.05
CA ASN A 316 21.56 -13.86 -4.23
C ASN A 316 22.07 -12.46 -4.58
N VAL A 317 23.39 -12.30 -4.64
CA VAL A 317 23.94 -11.01 -5.04
C VAL A 317 23.40 -10.60 -6.40
N CYS A 318 23.38 -11.56 -7.34
CA CYS A 318 22.81 -11.27 -8.66
C CYS A 318 21.36 -10.82 -8.54
N GLN A 319 20.62 -11.35 -7.57
CA GLN A 319 19.21 -10.95 -7.48
C GLN A 319 19.08 -9.56 -6.89
N GLU A 320 19.88 -9.25 -5.87
CA GLU A 320 19.95 -7.88 -5.35
C GLU A 320 20.36 -6.91 -6.44
N THR A 321 21.37 -7.30 -7.23
CA THR A 321 21.80 -6.46 -8.35
C THR A 321 20.63 -6.17 -9.28
N CYS A 322 19.73 -7.14 -9.45
CA CYS A 322 18.60 -6.93 -10.34
C CYS A 322 17.56 -6.03 -9.68
N THR A 323 17.34 -6.22 -8.39
CA THR A 323 16.36 -5.44 -7.64
C THR A 323 16.75 -3.97 -7.55
N LYS A 324 18.04 -3.68 -7.44
CA LYS A 324 18.47 -2.29 -7.32
C LYS A 324 18.45 -1.57 -8.67
N MET A 325 18.63 -2.28 -9.78
CA MET A 325 18.54 -1.66 -11.10
C MET A 325 17.09 -1.69 -11.55
N ILE A 326 16.41 -0.55 -11.45
CA ILE A 326 14.94 -0.57 -11.52
C ILE A 326 14.41 -1.13 -12.84
N ARG A 327 15.12 -0.97 -13.94
CA ARG A 327 14.52 -1.51 -15.16
C ARG A 327 14.66 -3.03 -15.28
N CYS A 328 15.53 -3.66 -14.47
CA CYS A 328 15.64 -5.12 -14.44
C CYS A 328 14.35 -5.76 -13.96
N GLN A 329 13.87 -6.78 -14.68
CA GLN A 329 12.68 -7.51 -14.25
C GLN A 329 12.97 -8.93 -13.79
N PHE A 330 14.05 -9.55 -14.25
CA PHE A 330 14.40 -10.93 -13.90
C PHE A 330 15.84 -11.17 -14.36
N PHE A 331 16.39 -12.32 -13.98
CA PHE A 331 17.81 -12.53 -14.20
C PHE A 331 18.11 -14.02 -14.36
N THR A 332 19.30 -14.29 -14.89
CA THR A 332 19.88 -15.63 -14.88
C THR A 332 21.31 -15.49 -14.42
N TYR A 333 21.67 -16.27 -13.40
CA TYR A 333 23.04 -16.34 -12.90
C TYR A 333 23.70 -17.57 -13.51
N SER A 334 24.68 -17.36 -14.39
CA SER A 334 25.25 -18.46 -15.16
C SER A 334 26.33 -19.15 -14.35
N LEU A 335 26.40 -20.47 -14.49
CA LEU A 335 27.38 -21.26 -13.77
C LEU A 335 28.30 -22.03 -14.70
N LEU A 336 28.16 -21.87 -16.01
CA LEU A 336 29.13 -22.43 -16.94
C LEU A 336 30.53 -22.00 -16.53
N PRO A 337 31.53 -22.90 -16.59
CA PRO A 337 32.89 -22.49 -16.26
C PRO A 337 33.36 -21.31 -17.10
N GLU A 338 32.84 -21.18 -18.32
CA GLU A 338 33.19 -20.08 -19.20
C GLU A 338 32.67 -18.74 -18.69
N ASP A 339 31.64 -18.75 -17.85
CA ASP A 339 31.01 -17.53 -17.36
C ASP A 339 31.44 -17.18 -15.94
N CYS A 340 32.45 -17.85 -15.40
CA CYS A 340 32.93 -17.61 -14.06
C CYS A 340 34.42 -17.31 -14.08
N LYS A 341 34.85 -16.43 -13.18
CA LYS A 341 36.25 -16.05 -13.06
C LYS A 341 36.83 -16.60 -11.77
N GLU A 342 36.44 -16.06 -10.62
CA GLU A 342 36.99 -16.54 -9.36
C GLU A 342 35.98 -16.19 -8.27
N GLU A 343 35.14 -17.15 -7.91
CA GLU A 343 34.04 -16.92 -6.96
C GLU A 343 32.93 -16.08 -7.60
N LYS A 344 33.19 -15.51 -8.77
CA LYS A 344 32.26 -14.59 -9.42
C LYS A 344 31.92 -15.08 -10.82
N CYS A 345 30.62 -15.05 -11.13
CA CYS A 345 30.08 -15.51 -12.41
C CYS A 345 29.21 -14.42 -13.02
N LYS A 346 28.83 -14.61 -14.28
CA LYS A 346 28.03 -13.61 -14.98
C LYS A 346 26.61 -13.54 -14.43
N CYS A 347 26.12 -12.32 -14.22
CA CYS A 347 24.76 -12.06 -13.76
C CYS A 347 24.04 -11.34 -14.88
N PHE A 348 23.15 -12.05 -15.58
CA PHE A 348 22.46 -11.51 -16.74
C PHE A 348 21.18 -10.80 -16.29
N LEU A 349 21.21 -9.46 -16.29
CA LEU A 349 20.02 -8.68 -16.01
C LEU A 349 19.20 -8.50 -17.28
N ARG A 350 17.89 -8.73 -17.18
CA ARG A 350 17.06 -8.84 -18.37
C ARG A 350 15.69 -8.23 -18.11
N LEU A 351 14.96 -7.96 -19.20
CA LEU A 351 13.61 -7.44 -19.14
C LEU A 351 12.89 -7.87 -20.41
N SER A 352 11.58 -7.65 -20.41
CA SER A 352 10.75 -7.96 -21.56
C SER A 352 9.61 -6.96 -21.59
N MET A 353 8.74 -7.08 -22.60
CA MET A 353 7.64 -6.14 -22.74
C MET A 353 6.60 -6.26 -21.63
N ASP A 354 6.34 -7.49 -21.13
CA ASP A 354 5.25 -7.69 -20.17
C ASP A 354 5.73 -8.12 -18.79
N GLY A 355 7.03 -8.13 -18.53
CA GLY A 355 7.51 -8.51 -17.22
C GLY A 355 7.78 -9.99 -17.01
N SER A 356 7.54 -10.83 -18.01
CA SER A 356 7.82 -12.26 -17.88
C SER A 356 8.88 -12.69 -18.89
N PRO A 357 9.62 -13.76 -18.59
CA PRO A 357 10.61 -14.23 -19.55
C PRO A 357 9.95 -14.51 -20.89
N THR A 358 10.72 -14.27 -21.95
CA THR A 358 10.30 -14.62 -23.30
C THR A 358 10.63 -16.07 -23.64
N ARG A 359 11.27 -16.78 -22.71
CA ARG A 359 11.72 -18.15 -22.89
C ARG A 359 12.18 -18.68 -21.54
N ILE A 360 11.93 -19.97 -21.30
CA ILE A 360 12.33 -20.66 -20.08
C ILE A 360 12.91 -22.02 -20.48
N ALA A 361 14.20 -22.21 -20.25
CA ALA A 361 14.91 -23.40 -20.68
C ALA A 361 15.47 -24.12 -19.45
N TYR A 362 15.38 -25.44 -19.44
CA TYR A 362 15.46 -26.21 -18.21
C TYR A 362 16.71 -27.07 -18.07
N GLY A 363 17.68 -26.95 -18.97
CA GLY A 363 18.81 -27.84 -18.78
C GLY A 363 20.14 -27.14 -18.59
N THR A 364 20.12 -26.04 -17.86
CA THR A 364 21.22 -25.08 -17.85
C THR A 364 22.00 -25.15 -16.54
N GLN A 365 23.26 -24.75 -16.60
CA GLN A 365 24.07 -24.60 -15.40
C GLN A 365 23.90 -23.17 -14.90
N GLY A 366 23.18 -23.03 -13.79
CA GLY A 366 22.88 -21.72 -13.24
C GLY A 366 21.47 -21.61 -12.69
N SER A 367 21.09 -20.45 -12.16
CA SER A 367 19.75 -20.27 -11.60
C SER A 367 19.21 -18.91 -11.99
N SER A 368 17.88 -18.85 -12.17
CA SER A 368 17.16 -17.65 -12.59
C SER A 368 16.24 -17.17 -11.48
N GLY A 369 15.75 -15.94 -11.64
CA GLY A 369 14.82 -15.39 -10.67
C GLY A 369 14.33 -14.04 -11.13
N TYR A 370 13.55 -13.40 -10.26
CA TYR A 370 12.88 -12.16 -10.58
C TYR A 370 13.45 -11.01 -9.77
N SER A 371 13.12 -9.81 -10.24
CA SER A 371 13.36 -8.62 -9.46
C SER A 371 12.42 -8.56 -8.27
N LEU A 372 12.92 -8.05 -7.15
CA LEU A 372 12.09 -7.84 -5.96
C LEU A 372 11.57 -6.41 -5.83
N ARG A 373 11.71 -5.59 -6.90
CA ARG A 373 11.39 -4.16 -6.82
C ARG A 373 9.97 -3.91 -6.33
N LEU A 374 9.06 -4.84 -6.57
CA LEU A 374 7.65 -4.68 -6.24
C LEU A 374 7.24 -5.45 -5.00
N CYS A 375 8.16 -6.13 -4.33
CA CYS A 375 7.82 -6.74 -3.06
C CYS A 375 7.38 -5.63 -2.09
N ASN A 376 6.29 -5.87 -1.36
CA ASN A 376 5.72 -4.86 -0.47
C ASN A 376 5.46 -5.38 0.94
N THR A 377 6.17 -6.42 1.40
CA THR A 377 6.03 -6.89 2.76
C THR A 377 7.16 -6.38 3.66
N GLY A 378 7.90 -5.38 3.21
CA GLY A 378 8.71 -4.52 4.08
C GLY A 378 9.98 -5.08 4.70
N ASP A 379 10.74 -4.21 5.36
CA ASP A 379 11.98 -4.57 6.04
C ASP A 379 11.80 -4.52 7.56
N VAL A 382 11.63 2.59 9.88
CA VAL A 382 11.87 1.54 8.90
C VAL A 382 11.47 2.03 7.52
N CYS A 383 10.54 2.98 7.47
CA CYS A 383 10.20 3.70 6.24
C CYS A 383 10.45 5.19 6.42
N THR A 384 10.72 5.87 5.30
CA THR A 384 10.93 7.33 5.26
C THR A 384 10.27 7.96 4.04
N ILE A 391 -10.88 11.70 20.25
CA ILE A 391 -11.05 12.57 19.08
C ILE A 391 -12.32 13.36 19.23
N VAL A 392 -12.19 14.70 19.32
CA VAL A 392 -13.31 15.61 19.49
C VAL A 392 -13.66 16.21 18.13
N GLY A 393 -14.91 16.02 17.70
CA GLY A 393 -15.40 16.64 16.49
C GLY A 393 -15.02 15.96 15.19
N GLY A 394 -14.86 14.64 15.20
CA GLY A 394 -14.51 13.90 14.02
C GLY A 394 -15.62 12.97 13.55
N THR A 395 -15.27 12.14 12.57
CA THR A 395 -16.20 11.21 11.96
C THR A 395 -15.63 9.80 12.00
N ASN A 396 -16.54 8.84 11.89
CA ASN A 396 -16.16 7.44 11.74
C ASN A 396 -15.09 7.26 10.67
N SER A 397 -14.11 6.44 10.98
CA SER A 397 -13.20 5.96 9.96
C SER A 397 -13.72 4.66 9.38
N SER A 398 -13.05 4.17 8.36
CA SER A 398 -13.45 2.96 7.67
C SER A 398 -12.33 1.95 7.78
N TRP A 399 -12.73 0.67 7.84
CA TRP A 399 -11.80 -0.45 8.04
C TRP A 399 -10.62 -0.33 7.10
N GLY A 400 -9.43 -0.48 7.65
CA GLY A 400 -8.22 -0.33 6.85
C GLY A 400 -7.88 1.09 6.42
N GLU A 401 -8.77 2.06 6.60
CA GLU A 401 -8.38 3.43 6.25
C GLU A 401 -7.06 3.83 6.91
N TRP A 402 -6.95 3.59 8.21
CA TRP A 402 -5.73 3.97 8.93
C TRP A 402 -4.98 2.74 9.39
N PRO A 403 -4.24 2.08 8.49
CA PRO A 403 -3.71 0.74 8.77
C PRO A 403 -2.57 0.71 9.77
N TRP A 404 -1.99 1.86 10.09
CA TRP A 404 -0.94 1.89 11.09
C TRP A 404 -1.47 2.08 12.50
N GLN A 405 -2.76 2.37 12.67
CA GLN A 405 -3.30 2.72 13.97
C GLN A 405 -3.42 1.48 14.81
N VAL A 406 -2.93 1.53 16.06
CA VAL A 406 -3.10 0.44 17.01
C VAL A 406 -3.72 0.99 18.30
N SER A 407 -4.31 0.07 19.06
CA SER A 407 -4.90 0.36 20.36
C SER A 407 -4.07 -0.38 21.41
N LEU A 408 -3.60 0.36 22.41
CA LEU A 408 -2.83 -0.20 23.52
C LEU A 408 -3.76 -0.37 24.72
N GLN A 409 -3.94 -1.62 25.14
CA GLN A 409 -4.84 -1.92 26.24
C GLN A 409 -4.03 -2.48 27.41
N VAL A 410 -4.65 -2.46 28.58
CA VAL A 410 -4.07 -3.00 29.81
C VAL A 410 -5.07 -3.95 30.44
N LYS A 411 -4.60 -5.15 30.77
CA LYS A 411 -5.38 -6.10 31.55
C LYS A 411 -5.08 -5.82 33.03
N LEU A 412 -5.89 -4.95 33.63
CA LEU A 412 -5.90 -4.80 35.07
C LEU A 412 -7.16 -5.49 35.54
N THR A 413 -7.73 -5.06 36.67
CA THR A 413 -8.98 -5.67 37.11
C THR A 413 -9.97 -5.89 35.97
N ALA A 414 -9.90 -5.04 34.94
CA ALA A 414 -10.58 -5.26 33.68
C ALA A 414 -9.62 -4.91 32.55
N GLN A 415 -9.96 -5.31 31.33
CA GLN A 415 -9.18 -4.89 30.20
C GLN A 415 -9.77 -3.60 29.63
N ARG A 416 -8.92 -2.61 29.38
CA ARG A 416 -9.36 -1.30 28.96
C ARG A 416 -8.35 -0.74 27.96
N HIS A 417 -8.87 0.05 27.01
CA HIS A 417 -8.04 0.76 26.06
C HIS A 417 -7.49 2.03 26.72
N LEU A 418 -6.18 2.20 26.69
CA LEU A 418 -5.59 3.42 27.24
C LEU A 418 -5.02 4.36 26.20
N CYS A 419 -4.33 3.83 25.18
CA CYS A 419 -3.60 4.71 24.27
C CYS A 419 -3.70 4.23 22.84
N GLY A 420 -3.53 5.19 21.92
CA GLY A 420 -3.21 4.87 20.57
C GLY A 420 -1.73 4.60 20.39
N GLY A 421 -1.38 4.16 19.18
CA GLY A 421 -0.02 3.92 18.76
C GLY A 421 0.04 3.82 17.26
N SER A 422 1.25 3.91 16.72
CA SER A 422 1.47 3.87 15.28
C SER A 422 2.39 2.71 14.94
N LEU A 423 1.91 1.80 14.11
CA LEU A 423 2.80 0.76 13.59
C LEU A 423 3.82 1.41 12.68
N ILE A 424 5.10 1.16 12.93
CA ILE A 424 6.17 1.68 12.09
C ILE A 424 7.08 0.57 11.59
N GLY A 425 6.82 -0.68 11.94
CA GLY A 425 7.63 -1.80 11.50
C GLY A 425 7.03 -3.09 12.01
N HIS A 426 7.43 -4.20 11.37
CA HIS A 426 6.89 -5.52 11.71
C HIS A 426 6.79 -5.74 13.21
N GLN A 427 7.80 -5.31 13.96
CA GLN A 427 7.88 -5.58 15.39
C GLN A 427 7.78 -4.32 16.24
N TRP A 428 7.67 -3.13 15.64
CA TRP A 428 7.85 -1.87 16.37
C TRP A 428 6.63 -0.98 16.28
N VAL A 429 6.25 -0.41 17.43
CA VAL A 429 5.17 0.57 17.53
C VAL A 429 5.70 1.79 18.25
N LEU A 430 5.26 2.97 17.81
CA LEU A 430 5.66 4.23 18.40
C LEU A 430 4.45 4.87 19.05
N THR A 431 4.60 5.25 20.33
CA THR A 431 3.52 5.81 21.15
C THR A 431 4.12 6.82 22.13
N ALA A 432 3.30 7.26 23.10
CA ALA A 432 3.70 8.23 24.12
C ALA A 432 4.24 7.56 25.39
N ALA A 433 5.30 8.13 25.94
CA ALA A 433 5.84 7.62 27.20
C ALA A 433 4.80 7.67 28.32
N HIS A 434 4.01 8.76 28.39
CA HIS A 434 3.11 8.91 29.53
C HIS A 434 2.06 7.80 29.62
N CYS A 435 1.84 7.04 28.54
CA CYS A 435 0.96 5.89 28.57
C CYS A 435 1.36 4.85 29.59
N PHE A 436 2.60 4.87 30.05
CA PHE A 436 3.07 3.88 31.01
C PHE A 436 3.31 4.45 32.40
N ASP A 437 2.90 5.70 32.66
CA ASP A 437 3.07 6.27 34.00
C ASP A 437 2.58 5.33 35.07
N GLY A 438 3.47 4.92 35.96
CA GLY A 438 3.10 4.14 37.13
C GLY A 438 2.41 2.84 36.81
N LEU A 439 2.31 2.48 35.45
CA LEU A 439 1.65 1.27 34.98
C LEU A 439 2.64 0.11 34.95
N PRO A 440 2.16 -1.06 35.42
CA PRO A 440 3.02 -2.25 35.46
C PRO A 440 3.38 -2.73 34.07
N LEU A 441 4.46 -2.19 33.52
CA LEU A 441 4.85 -2.49 32.14
C LEU A 441 5.33 -3.93 31.99
N GLN A 442 4.47 -4.89 32.33
CA GLN A 442 4.87 -6.29 32.27
C GLN A 442 3.92 -6.99 31.32
N ASP A 443 3.57 -8.24 31.67
CA ASP A 443 2.59 -9.06 30.97
C ASP A 443 1.19 -8.50 30.99
N VAL A 444 1.05 -7.20 31.20
CA VAL A 444 -0.28 -6.62 31.28
C VAL A 444 -0.76 -6.08 29.94
N TRP A 445 0.14 -5.71 29.04
CA TRP A 445 -0.25 -4.96 27.85
C TRP A 445 -0.64 -5.89 26.72
N ARG A 446 -1.66 -5.47 25.98
CA ARG A 446 -2.11 -6.15 24.75
C ARG A 446 -2.31 -5.10 23.67
N ILE A 447 -1.58 -5.25 22.56
CA ILE A 447 -1.65 -4.31 21.44
C ILE A 447 -2.56 -4.92 20.39
N TYR A 448 -3.53 -4.12 19.93
CA TYR A 448 -4.46 -4.53 18.89
C TYR A 448 -4.19 -3.71 17.63
N SER A 449 -4.16 -4.40 16.48
CA SER A 449 -3.86 -3.81 15.19
C SER A 449 -4.84 -4.34 14.15
N GLY A 450 -4.96 -3.62 13.05
CA GLY A 450 -5.90 -4.05 12.02
C GLY A 450 -7.33 -4.12 12.52
N ILE A 451 -7.73 -3.18 13.37
CA ILE A 451 -9.04 -3.23 14.03
C ILE A 451 -9.70 -1.87 13.95
N LEU A 452 -10.99 -1.85 13.64
CA LEU A 452 -11.74 -0.60 13.59
C LEU A 452 -12.70 -0.43 14.76
N ASN A 453 -13.35 -1.51 15.19
CA ASN A 453 -14.40 -1.46 16.22
C ASN A 453 -13.85 -2.14 17.45
N LEU A 454 -13.59 -1.38 18.52
CA LEU A 454 -13.06 -1.98 19.74
C LEU A 454 -14.04 -2.96 20.36
N SER A 455 -15.35 -2.71 20.25
CA SER A 455 -16.34 -3.62 20.79
C SER A 455 -16.20 -5.04 20.26
N ASP A 456 -15.61 -5.20 19.07
CA ASP A 456 -15.35 -6.50 18.48
C ASP A 456 -14.29 -7.30 19.21
N ILE A 457 -13.52 -6.68 20.11
CA ILE A 457 -12.43 -7.37 20.77
C ILE A 457 -13.00 -8.34 21.80
N THR A 458 -12.75 -9.63 21.62
CA THR A 458 -12.97 -10.64 22.64
C THR A 458 -11.62 -11.16 23.12
N LYS A 459 -11.66 -11.99 24.16
CA LYS A 459 -10.40 -12.53 24.66
C LYS A 459 -9.79 -13.55 23.71
N ASP A 460 -10.50 -13.89 22.62
CA ASP A 460 -9.95 -14.70 21.54
C ASP A 460 -9.44 -13.87 20.36
N THR A 461 -9.73 -12.57 20.32
CA THR A 461 -9.13 -11.72 19.30
C THR A 461 -7.61 -11.79 19.42
N PRO A 462 -6.90 -12.00 18.31
CA PRO A 462 -5.45 -12.01 18.38
C PRO A 462 -4.90 -10.64 18.76
N PHE A 463 -3.77 -10.63 19.45
CA PHE A 463 -3.15 -9.40 19.93
C PHE A 463 -1.64 -9.59 20.00
N SER A 464 -0.92 -8.47 19.98
CA SER A 464 0.52 -8.47 20.20
C SER A 464 0.81 -8.20 21.66
N GLN A 465 1.83 -8.85 22.20
CA GLN A 465 2.31 -8.58 23.53
C GLN A 465 3.62 -7.81 23.42
N ILE A 466 3.97 -7.13 24.50
CA ILE A 466 5.17 -6.30 24.50
C ILE A 466 6.38 -7.16 24.83
N LYS A 467 7.39 -7.11 23.96
CA LYS A 467 8.67 -7.75 24.25
C LYS A 467 9.59 -6.84 25.04
N GLU A 468 9.49 -5.54 24.82
CA GLU A 468 10.36 -4.57 25.47
C GLU A 468 9.75 -3.20 25.28
N ILE A 469 9.94 -2.34 26.29
CA ILE A 469 9.47 -0.96 26.26
C ILE A 469 10.68 -0.06 26.32
N ILE A 470 10.72 0.94 25.46
CA ILE A 470 11.83 1.90 25.40
C ILE A 470 11.24 3.28 25.68
N ILE A 471 11.22 3.66 26.94
CA ILE A 471 10.90 5.04 27.33
C ILE A 471 12.11 5.91 27.05
N HIS A 472 11.87 7.10 26.49
CA HIS A 472 12.98 8.01 26.27
C HIS A 472 13.75 8.23 27.57
N GLN A 473 15.08 8.24 27.44
CA GLN A 473 15.96 8.40 28.59
C GLN A 473 15.61 9.63 29.40
N ASN A 474 15.35 10.74 28.74
CA ASN A 474 15.14 12.02 29.41
C ASN A 474 13.69 12.27 29.76
N TYR A 475 12.84 11.26 29.63
CA TYR A 475 11.46 11.43 30.04
C TYR A 475 11.34 11.39 31.56
N LYS A 476 10.37 12.13 32.08
CA LYS A 476 10.06 12.18 33.49
C LYS A 476 8.54 12.21 33.65
N VAL A 477 8.04 11.43 34.62
CA VAL A 477 6.60 11.18 34.71
C VAL A 477 5.80 12.46 34.94
N SER A 478 6.37 13.45 35.63
CA SER A 478 5.64 14.69 35.88
C SER A 478 5.93 15.80 34.86
N GLU A 479 6.59 15.49 33.74
CA GLU A 479 6.91 16.51 32.75
C GLU A 479 6.64 15.99 31.35
N GLY A 480 6.36 16.94 30.46
CA GLY A 480 5.97 16.67 29.09
C GLY A 480 7.08 16.49 28.10
N ASN A 481 8.35 16.55 28.50
CA ASN A 481 9.45 16.45 27.55
C ASN A 481 9.69 15.01 27.13
N HIS A 482 10.00 14.83 25.85
CA HIS A 482 10.39 13.53 25.32
C HIS A 482 9.29 12.49 25.54
N ASP A 483 8.05 12.91 25.26
CA ASP A 483 6.88 12.05 25.42
C ASP A 483 6.84 11.07 24.26
N ILE A 484 7.66 10.02 24.36
CA ILE A 484 7.81 9.08 23.26
C ILE A 484 8.44 7.80 23.79
N ALA A 485 7.97 6.67 23.27
CA ALA A 485 8.50 5.38 23.66
C ALA A 485 8.30 4.39 22.52
N LEU A 486 9.23 3.46 22.39
CA LEU A 486 9.08 2.36 21.44
C LEU A 486 8.60 1.11 22.16
N ILE A 487 7.98 0.22 21.38
CA ILE A 487 7.53 -1.07 21.85
C ILE A 487 8.00 -2.09 20.82
N LYS A 488 8.84 -3.01 21.22
CA LYS A 488 9.16 -4.17 20.39
C LYS A 488 8.13 -5.25 20.70
N LEU A 489 7.43 -5.72 19.68
CA LEU A 489 6.45 -6.78 19.89
C LEU A 489 7.17 -8.11 20.14
N GLN A 490 6.46 -9.04 20.75
CA GLN A 490 7.07 -10.35 20.97
C GLN A 490 7.14 -11.15 19.67
N ALA A 491 6.28 -10.86 18.70
CA ALA A 491 6.35 -11.46 17.36
C ALA A 491 6.11 -10.40 16.30
N PRO A 492 6.77 -10.50 15.14
CA PRO A 492 6.53 -9.52 14.07
C PRO A 492 5.13 -9.68 13.49
N LEU A 493 4.54 -8.55 13.07
CA LEU A 493 3.26 -8.57 12.39
C LEU A 493 3.43 -8.66 10.87
N ASN A 494 2.53 -9.38 10.22
CA ASN A 494 2.50 -9.42 8.76
C ASN A 494 1.77 -8.18 8.25
N TYR A 495 2.30 -7.54 7.20
CA TYR A 495 1.64 -6.35 6.66
C TYR A 495 0.47 -6.78 5.79
N THR A 496 -0.70 -6.18 6.03
CA THR A 496 -1.85 -6.31 5.14
C THR A 496 -2.32 -4.91 4.80
N GLU A 497 -3.40 -4.82 4.02
CA GLU A 497 -3.89 -3.50 3.64
C GLU A 497 -4.63 -2.82 4.80
N PHE A 498 -4.96 -3.55 5.86
CA PHE A 498 -5.56 -2.97 7.05
C PHE A 498 -4.58 -3.00 8.23
N GLN A 499 -3.34 -3.40 7.97
CA GLN A 499 -2.36 -3.51 9.04
C GLN A 499 -0.98 -3.37 8.40
N LYS A 500 -0.41 -2.17 8.47
CA LYS A 500 0.88 -1.90 7.84
C LYS A 500 1.39 -0.56 8.37
N PRO A 501 2.69 -0.29 8.20
CA PRO A 501 3.32 0.82 8.91
C PRO A 501 3.11 2.15 8.22
N ILE A 502 3.09 3.20 9.04
CA ILE A 502 3.19 4.57 8.54
C ILE A 502 4.66 4.90 8.30
N CYS A 503 4.92 5.77 7.33
CA CYS A 503 6.26 6.24 7.06
C CYS A 503 6.60 7.43 7.94
N LEU A 504 7.85 7.50 8.38
CA LEU A 504 8.36 8.59 9.21
C LEU A 504 8.91 9.72 8.34
N PRO A 505 9.32 10.84 8.95
CA PRO A 505 9.78 11.99 8.18
C PRO A 505 11.27 11.94 7.82
N SER A 506 11.60 12.58 6.69
CA SER A 506 12.92 12.50 6.07
C SER A 506 13.78 13.51 6.85
N LYS A 507 14.81 13.01 7.54
CA LYS A 507 15.77 13.85 8.25
C LYS A 507 15.15 14.83 9.25
N GLY A 508 15.58 16.09 9.17
CA GLY A 508 14.95 17.18 9.91
C GLY A 508 14.22 18.08 8.95
N ASP A 509 13.98 17.56 7.75
CA ASP A 509 13.37 18.34 6.67
C ASP A 509 11.88 18.56 6.91
N THR A 510 11.55 19.29 7.97
CA THR A 510 10.17 19.72 8.22
C THR A 510 9.95 21.18 7.83
N SER A 511 10.93 21.81 7.17
CA SER A 511 10.69 23.12 6.57
C SER A 511 9.42 23.09 5.73
N THR A 512 9.19 22.00 5.00
CA THR A 512 7.95 21.81 4.27
C THR A 512 6.77 22.04 5.21
N ILE A 513 5.81 22.85 4.76
CA ILE A 513 4.65 23.20 5.55
C ILE A 513 3.53 22.24 5.14
N TYR A 514 3.27 21.24 5.99
CA TYR A 514 2.19 20.31 5.72
C TYR A 514 0.85 21.01 5.81
N THR A 515 -0.03 20.69 4.86
CA THR A 515 -1.35 21.29 4.78
C THR A 515 -2.48 20.33 5.07
N ASN A 516 -2.24 19.02 4.96
CA ASN A 516 -3.28 18.01 5.06
C ASN A 516 -2.89 17.03 6.18
N CYS A 517 -3.01 17.45 7.43
CA CYS A 517 -2.64 16.63 8.57
C CYS A 517 -3.89 16.16 9.31
N TRP A 518 -3.87 14.90 9.75
CA TRP A 518 -5.01 14.27 10.40
C TRP A 518 -4.56 13.55 11.67
N VAL A 519 -5.52 13.35 12.57
CA VAL A 519 -5.29 12.71 13.86
C VAL A 519 -6.43 11.72 14.13
N THR A 520 -6.08 10.54 14.64
CA THR A 520 -7.04 9.44 14.78
C THR A 520 -6.95 8.86 16.18
N GLY A 521 -8.00 8.13 16.55
CA GLY A 521 -8.04 7.49 17.85
C GLY A 521 -9.45 7.12 18.22
N TRP A 522 -9.54 6.35 19.30
CA TRP A 522 -10.80 5.95 19.93
C TRP A 522 -11.08 6.75 21.21
N GLY A 523 -10.41 7.87 21.41
CA GLY A 523 -10.50 8.63 22.64
C GLY A 523 -11.85 9.30 22.86
N PHE A 524 -11.92 10.10 23.92
CA PHE A 524 -13.10 10.88 24.25
C PHE A 524 -13.53 11.71 23.05
N SER A 525 -14.83 11.69 22.74
CA SER A 525 -15.33 12.58 21.70
C SER A 525 -15.61 13.99 22.23
N LYS A 526 -15.74 14.13 23.56
CA LYS A 526 -15.83 15.44 24.20
C LYS A 526 -14.98 15.42 25.46
N GLU A 527 -14.76 16.61 26.02
CA GLU A 527 -14.15 16.71 27.33
C GLU A 527 -15.04 16.01 28.35
N LYS A 528 -14.48 15.06 29.09
CA LYS A 528 -15.25 14.24 30.03
C LYS A 528 -16.27 13.35 29.30
N GLY A 529 -15.95 12.91 28.09
CA GLY A 529 -16.80 11.98 27.38
C GLY A 529 -16.45 10.52 27.65
N GLU A 530 -16.34 9.73 26.59
CA GLU A 530 -16.13 8.30 26.70
C GLU A 530 -15.22 7.81 25.59
N ILE A 531 -14.66 6.63 25.81
CA ILE A 531 -13.96 5.93 24.75
C ILE A 531 -14.96 5.56 23.67
N GLN A 532 -14.56 5.77 22.41
CA GLN A 532 -15.39 5.43 21.26
C GLN A 532 -15.07 4.03 20.78
N ASN A 533 -16.07 3.36 20.21
CA ASN A 533 -15.85 2.03 19.65
C ASN A 533 -15.29 2.07 18.24
N ILE A 534 -15.64 3.10 17.46
CA ILE A 534 -15.24 3.17 16.05
C ILE A 534 -14.12 4.20 15.92
N LEU A 535 -12.99 3.77 15.40
CA LEU A 535 -11.84 4.65 15.28
C LEU A 535 -12.23 5.95 14.62
N GLN A 536 -11.83 7.07 15.21
CA GLN A 536 -12.25 8.39 14.78
C GLN A 536 -11.12 9.13 14.07
N LYS A 537 -11.51 10.05 13.19
CA LYS A 537 -10.57 10.85 12.42
C LYS A 537 -11.00 12.31 12.40
N VAL A 538 -10.02 13.21 12.31
CA VAL A 538 -10.29 14.65 12.29
C VAL A 538 -9.16 15.35 11.55
N ASN A 539 -9.53 16.38 10.77
CA ASN A 539 -8.58 17.23 10.06
C ASN A 539 -8.33 18.50 10.88
N ILE A 540 -7.09 18.69 11.31
CA ILE A 540 -6.71 19.77 12.20
C ILE A 540 -5.59 20.55 11.51
N PRO A 541 -5.68 21.87 11.42
CA PRO A 541 -4.56 22.66 10.91
C PRO A 541 -3.43 22.73 11.93
N LEU A 542 -2.19 22.66 11.43
CA LEU A 542 -1.02 22.84 12.27
C LEU A 542 -0.91 24.30 12.73
N VAL A 543 -0.10 24.51 13.78
CA VAL A 543 0.14 25.82 14.36
C VAL A 543 1.66 26.03 14.39
N THR A 544 2.07 27.27 14.63
CA THR A 544 3.48 27.62 14.73
C THR A 544 3.96 27.42 16.16
N ASN A 545 5.27 27.17 16.31
CA ASN A 545 5.78 26.87 17.63
C ASN A 545 5.81 28.08 18.55
N GLU A 546 5.79 29.30 18.01
CA GLU A 546 5.69 30.49 18.83
C GLU A 546 4.24 30.84 19.16
N GLU A 547 3.34 30.69 18.19
CA GLU A 547 1.92 30.90 18.47
C GLU A 547 1.41 29.89 19.50
N CYS A 548 1.89 28.64 19.42
CA CYS A 548 1.53 27.64 20.43
C CYS A 548 2.11 27.99 21.79
N GLN A 549 3.35 28.48 21.82
CA GLN A 549 3.91 28.97 23.07
C GLN A 549 3.06 30.09 23.66
N LYS A 550 2.55 30.97 22.80
CA LYS A 550 1.80 32.12 23.30
C LYS A 550 0.53 31.71 24.04
N ARG A 551 0.03 30.49 23.78
CA ARG A 551 -1.25 30.06 24.33
C ARG A 551 -1.10 29.12 25.53
N TYR A 552 0.13 28.84 25.96
CA TYR A 552 0.38 27.97 27.10
C TYR A 552 1.46 28.61 27.98
N GLN A 553 1.15 29.79 28.53
CA GLN A 553 2.22 30.55 29.16
C GLN A 553 2.83 29.83 30.36
N ASP A 554 2.24 28.73 30.82
CA ASP A 554 2.73 28.04 32.00
C ASP A 554 3.73 26.92 31.70
N TYR A 555 3.78 26.44 30.45
CA TYR A 555 4.68 25.37 30.05
C TYR A 555 5.64 25.89 28.97
N LYS A 556 6.65 25.07 28.66
CA LYS A 556 7.67 25.43 27.67
C LYS A 556 7.49 24.55 26.44
N ILE A 557 6.93 25.14 25.38
CA ILE A 557 6.82 24.43 24.11
C ILE A 557 8.17 24.48 23.40
N THR A 558 8.73 23.31 23.12
CA THR A 558 10.10 23.19 22.66
C THR A 558 10.13 22.88 21.16
N GLN A 559 11.34 22.91 20.63
CA GLN A 559 11.57 22.55 19.24
C GLN A 559 11.12 21.14 18.94
N ARG A 560 11.26 20.23 19.92
CA ARG A 560 10.92 18.83 19.74
C ARG A 560 9.43 18.56 19.91
N MET A 561 8.63 19.62 19.93
CA MET A 561 7.17 19.54 19.99
C MET A 561 6.56 20.26 18.80
N VAL A 562 5.44 19.75 18.32
CA VAL A 562 4.69 20.38 17.24
C VAL A 562 3.23 20.46 17.68
N CYS A 563 2.60 21.61 17.43
CA CYS A 563 1.25 21.87 17.88
C CYS A 563 0.28 21.92 16.71
N ALA A 564 -1.00 21.66 17.01
CA ALA A 564 -2.03 21.64 15.98
C ALA A 564 -3.39 21.84 16.62
N GLY A 565 -4.20 22.72 16.01
CA GLY A 565 -5.55 22.99 16.48
C GLY A 565 -6.39 23.82 15.54
N GLY A 570 -12.61 23.27 18.85
CA GLY A 570 -13.74 22.37 18.63
C GLY A 570 -13.41 21.04 17.98
N LYS A 571 -12.16 20.85 17.59
CA LYS A 571 -11.67 19.62 16.97
C LYS A 571 -10.30 19.31 17.55
N ASP A 572 -10.15 18.15 18.18
CA ASP A 572 -8.90 17.90 18.89
C ASP A 572 -8.80 16.42 19.23
N ALA A 573 -7.57 15.98 19.49
CA ALA A 573 -7.37 14.74 20.23
C ALA A 573 -7.74 14.95 21.70
N CYS A 574 -8.12 13.86 22.38
CA CYS A 574 -8.58 13.95 23.76
C CYS A 574 -8.06 12.74 24.55
N LYS A 575 -8.60 12.54 25.75
CA LYS A 575 -8.16 11.44 26.61
C LYS A 575 -8.41 10.11 25.92
N GLY A 576 -7.39 9.27 25.88
CA GLY A 576 -7.47 7.99 25.23
C GLY A 576 -6.94 7.99 23.80
N ASP A 577 -6.82 9.17 23.19
CA ASP A 577 -6.09 9.28 21.93
C ASP A 577 -4.59 9.39 22.14
N SER A 578 -4.14 9.60 23.38
CA SER A 578 -2.73 9.66 23.73
C SER A 578 -1.93 8.60 22.99
N GLY A 579 -0.80 9.02 22.41
CA GLY A 579 0.10 8.10 21.76
C GLY A 579 -0.24 7.76 20.34
N GLY A 580 -1.45 8.10 19.88
CA GLY A 580 -1.85 7.84 18.53
C GLY A 580 -1.15 8.75 17.54
N PRO A 581 -1.47 8.58 16.26
CA PRO A 581 -0.78 9.31 15.20
C PRO A 581 -1.37 10.68 14.86
N LEU A 582 -0.46 11.59 14.56
CA LEU A 582 -0.75 12.79 13.79
C LEU A 582 -0.08 12.61 12.43
N VAL A 583 -0.86 12.42 11.37
CA VAL A 583 -0.33 12.12 10.04
C VAL A 583 -0.63 13.28 9.10
N CYS A 584 0.32 13.54 8.19
CA CYS A 584 0.18 14.56 7.16
C CYS A 584 0.39 13.92 5.78
N LYS A 585 -0.51 14.25 4.84
CA LYS A 585 -0.48 13.72 3.48
C LYS A 585 0.37 14.63 2.59
N HIS A 586 1.54 14.14 2.21
CA HIS A 586 2.47 14.91 1.37
C HIS A 586 2.80 14.12 0.11
N ASN A 587 2.71 14.77 -1.04
CA ASN A 587 2.91 14.14 -2.34
C ASN A 587 2.03 12.89 -2.47
N GLY A 588 0.74 13.07 -2.15
CA GLY A 588 -0.16 11.94 -2.04
C GLY A 588 0.22 10.94 -0.97
N MET A 589 1.38 11.08 -0.36
CA MET A 589 1.88 10.13 0.63
C MET A 589 1.53 10.57 2.04
N TRP A 590 1.60 9.62 2.96
CA TRP A 590 1.34 9.87 4.36
C TRP A 590 2.65 9.81 5.14
N ARG A 591 2.86 10.80 6.01
CA ARG A 591 4.01 10.88 6.89
C ARG A 591 3.52 10.93 8.33
N LEU A 592 4.32 10.36 9.23
CA LEU A 592 4.05 10.46 10.66
C LEU A 592 4.76 11.70 11.19
N VAL A 593 4.00 12.75 11.51
CA VAL A 593 4.58 14.01 11.96
C VAL A 593 4.61 14.11 13.48
N GLY A 594 3.51 13.75 14.16
CA GLY A 594 3.44 13.90 15.60
C GLY A 594 2.81 12.71 16.30
N ILE A 595 3.13 12.59 17.59
CA ILE A 595 2.55 11.61 18.50
C ILE A 595 1.64 12.36 19.46
N THR A 596 0.34 12.05 19.44
CA THR A 596 -0.60 12.69 20.34
C THR A 596 -0.10 12.65 21.79
N SER A 597 0.11 13.84 22.38
CA SER A 597 0.68 13.91 23.71
C SER A 597 -0.28 14.58 24.69
N TRP A 598 -0.67 15.82 24.46
CA TRP A 598 -1.27 16.61 25.54
C TRP A 598 -2.11 17.75 25.00
N GLY A 599 -3.01 18.22 25.86
CA GLY A 599 -3.67 19.51 25.70
C GLY A 599 -4.28 19.90 27.02
N GLU A 600 -4.73 21.16 27.11
CA GLU A 600 -5.30 21.65 28.36
C GLU A 600 -6.69 21.05 28.63
N GLY A 601 -7.72 21.52 27.93
CA GLY A 601 -8.97 20.78 27.93
C GLY A 601 -9.02 19.81 26.76
N CYS A 602 -10.18 19.65 26.13
CA CYS A 602 -10.24 19.03 24.82
C CYS A 602 -11.04 19.93 23.88
N ALA A 603 -10.45 20.23 22.72
CA ALA A 603 -11.07 21.10 21.71
C ALA A 603 -11.40 22.47 22.26
N ARG A 604 -10.57 22.96 23.19
CA ARG A 604 -10.81 24.28 23.75
C ARG A 604 -10.37 25.36 22.76
N ARG A 605 -11.11 26.45 22.75
CA ARG A 605 -10.82 27.56 21.85
C ARG A 605 -9.40 28.06 22.07
N GLU A 606 -8.68 28.24 20.95
CA GLU A 606 -7.29 28.70 20.92
C GLU A 606 -6.43 28.10 22.03
N GLN A 607 -6.55 26.79 22.25
CA GLN A 607 -5.55 26.02 22.99
C GLN A 607 -5.33 24.72 22.20
N PRO A 608 -4.30 24.68 21.36
CA PRO A 608 -4.12 23.56 20.44
C PRO A 608 -3.41 22.35 21.05
N GLY A 609 -3.59 21.20 20.38
CA GLY A 609 -2.97 19.97 20.84
C GLY A 609 -1.45 20.04 20.70
N VAL A 610 -0.76 19.48 21.68
CA VAL A 610 0.69 19.37 21.67
C VAL A 610 1.06 17.92 21.38
N TYR A 611 1.85 17.72 20.34
CA TYR A 611 2.30 16.41 19.88
C TYR A 611 3.82 16.34 19.96
N THR A 612 4.34 15.19 20.34
CA THR A 612 5.79 15.00 20.18
C THR A 612 6.10 15.02 18.69
N LYS A 613 7.04 15.88 18.29
CA LYS A 613 7.37 16.10 16.89
C LYS A 613 8.35 15.02 16.44
N VAL A 614 7.90 14.15 15.53
CA VAL A 614 8.65 12.93 15.25
C VAL A 614 9.96 13.23 14.54
N ALA A 615 9.95 14.22 13.64
CA ALA A 615 11.17 14.62 12.92
C ALA A 615 12.35 14.71 13.87
N GLU A 616 12.12 15.23 15.08
CA GLU A 616 13.18 15.57 16.00
C GLU A 616 13.60 14.41 16.90
N TYR A 617 13.07 13.20 16.68
CA TYR A 617 13.51 12.02 17.41
C TYR A 617 13.92 10.88 16.48
N MET A 618 14.11 11.15 15.18
CA MET A 618 14.52 10.09 14.26
C MET A 618 15.84 9.47 14.71
N ASP A 619 16.79 10.30 15.17
CA ASP A 619 18.07 9.77 15.61
C ASP A 619 17.88 8.67 16.63
N TRP A 620 17.21 9.00 17.74
CA TRP A 620 16.93 8.02 18.77
C TRP A 620 16.11 6.86 18.25
N ILE A 621 15.09 7.14 17.43
CA ILE A 621 14.24 6.09 16.89
C ILE A 621 15.09 5.07 16.15
N LEU A 622 15.69 5.50 15.03
CA LEU A 622 16.54 4.62 14.25
C LEU A 622 17.60 3.96 15.12
N GLU A 623 18.06 4.65 16.16
CA GLU A 623 19.09 4.15 17.05
C GLU A 623 18.58 2.94 17.83
N LYS A 624 17.67 3.19 18.78
CA LYS A 624 17.12 2.10 19.59
C LYS A 624 16.49 1.01 18.74
N THR A 625 16.08 1.33 17.52
CA THR A 625 15.23 0.46 16.74
C THR A 625 15.97 -0.35 15.68
N GLN A 626 17.23 0.00 15.38
CA GLN A 626 18.02 -0.79 14.44
C GLN A 626 19.13 -1.53 15.19
N SER A 627 18.74 -2.35 16.16
CA SER A 627 19.70 -3.01 17.04
C SER A 627 18.98 -4.20 17.68
N SER A 628 19.60 -4.75 18.73
CA SER A 628 19.05 -5.93 19.40
C SER A 628 18.91 -7.09 18.43
#